data_8POJ
#
_entry.id   8POJ
#
_cell.length_a   121.146
_cell.length_b   61.686
_cell.length_c   79.980
_cell.angle_alpha   90.00
_cell.angle_beta   117.35
_cell.angle_gamma   90.00
#
_symmetry.space_group_name_H-M   'C 1 2 1'
#
loop_
_entity.id
_entity.type
_entity.pdbx_description
1 polymer 'Transcriptional enhancer factor TEF-4'
2 non-polymer 'MYRISTIC ACID'
3 non-polymer '4-fluoranyl-2-[(3-phenylphenyl)amino]benzoic acid'
#
_entity_poly.entity_id   1
_entity_poly.type   'polypeptide(L)'
_entity_poly.pdbx_seq_one_letter_code
;MAWQARGLGTARLQLVEFSAFVEPPDAVDSYQRHLFVHISQHCPSPGAPPLESVDVRQIYDKFPEKKGGLRELYDRGPPH
AFFLVKFWADLNWGPSGEEAGAGGSISSGGFYGVSSQYESLEHMTLTCSSKVCSFGKQVVEKVETERAQLEDGRFVYRLL
RSPMCEYLVNFLHKLRQLPERYMMNSVLENFTILQVVTNRDTQELLLCTAYVFEVSTSERGAQHHIYRLVRDVEHHHHHH
;
_entity_poly.pdbx_strand_id   B,A
#
# COMPACT_ATOMS: atom_id res chain seq x y z
N GLN A 4 -20.60 21.66 -7.03
CA GLN A 4 -21.64 20.66 -7.30
C GLN A 4 -21.83 19.73 -6.09
N ALA A 5 -20.73 19.34 -5.44
CA ALA A 5 -20.78 18.25 -4.47
C ALA A 5 -21.40 18.69 -3.15
N ARG A 6 -22.06 17.74 -2.49
CA ARG A 6 -22.63 17.95 -1.17
C ARG A 6 -22.18 16.92 -0.15
N GLY A 7 -21.56 15.82 -0.60
CA GLY A 7 -20.96 14.86 0.30
C GLY A 7 -19.58 14.47 -0.21
N LEU A 8 -18.95 13.55 0.52
CA LEU A 8 -17.65 13.04 0.13
C LEU A 8 -17.89 11.94 -0.88
N GLY A 9 -17.84 12.29 -2.15
CA GLY A 9 -18.08 11.33 -3.19
C GLY A 9 -18.32 12.04 -4.49
N THR A 10 -18.44 11.24 -5.54
CA THR A 10 -18.79 11.76 -6.84
C THR A 10 -19.98 10.96 -7.36
N ALA A 11 -20.38 11.20 -8.61
CA ALA A 11 -21.42 10.38 -9.20
C ALA A 11 -20.93 8.97 -9.48
N ARG A 12 -19.61 8.79 -9.58
CA ARG A 12 -19.03 7.49 -9.91
C ARG A 12 -18.66 6.69 -8.67
N LEU A 13 -18.50 7.35 -7.54
CA LEU A 13 -17.99 6.65 -6.36
C LEU A 13 -18.25 7.48 -5.13
N GLN A 14 -19.13 7.00 -4.27
CA GLN A 14 -19.52 7.71 -3.06
C GLN A 14 -18.97 6.97 -1.85
N LEU A 15 -18.53 7.72 -0.85
CA LEU A 15 -18.06 7.11 0.38
C LEU A 15 -19.26 6.86 1.28
N VAL A 16 -19.52 5.60 1.58
CA VAL A 16 -20.66 5.29 2.44
C VAL A 16 -20.26 5.44 3.89
N GLU A 17 -19.11 4.90 4.25
CA GLU A 17 -18.71 4.88 5.64
C GLU A 17 -17.21 4.71 5.71
N PHE A 18 -16.59 5.52 6.57
CA PHE A 18 -15.18 5.33 6.88
C PHE A 18 -15.08 5.48 8.40
N SER A 19 -14.25 4.63 9.00
CA SER A 19 -13.99 4.76 10.42
C SER A 19 -12.63 4.14 10.72
N ALA A 20 -12.03 4.59 11.83
CA ALA A 20 -10.81 4.01 12.36
C ALA A 20 -11.05 3.79 13.84
N PHE A 21 -10.72 2.61 14.35
CA PHE A 21 -11.22 2.21 15.67
C PHE A 21 -10.25 1.30 16.40
N VAL A 22 -10.54 1.06 17.67
CA VAL A 22 -9.85 0.06 18.47
C VAL A 22 -10.90 -0.70 19.28
N GLU A 23 -10.69 -2.01 19.40
CA GLU A 23 -11.54 -2.85 20.23
C GLU A 23 -10.69 -3.36 21.38
N PRO A 24 -11.09 -3.16 22.63
CA PRO A 24 -10.27 -3.62 23.75
C PRO A 24 -10.23 -5.13 23.78
N PRO A 25 -9.25 -5.73 24.46
CA PRO A 25 -9.25 -7.18 24.64
C PRO A 25 -10.54 -7.70 25.26
N ASP A 26 -11.24 -6.84 26.01
CA ASP A 26 -12.50 -7.22 26.63
C ASP A 26 -13.65 -7.38 25.64
N ALA A 27 -13.44 -7.02 24.36
CA ALA A 27 -14.55 -6.95 23.42
C ALA A 27 -15.19 -8.31 23.14
N VAL A 28 -14.44 -9.40 23.36
CA VAL A 28 -14.94 -10.74 23.09
C VAL A 28 -15.97 -11.21 24.11
N ASP A 29 -15.93 -10.69 25.33
CA ASP A 29 -16.95 -11.01 26.33
C ASP A 29 -18.15 -10.06 26.29
N SER A 30 -17.90 -8.75 26.37
CA SER A 30 -18.89 -7.74 26.03
C SER A 30 -18.26 -6.83 24.98
N TYR A 31 -18.99 -6.59 23.90
CA TYR A 31 -18.40 -5.87 22.78
C TYR A 31 -18.45 -4.36 23.01
N GLN A 32 -17.44 -3.68 22.48
CA GLN A 32 -17.41 -2.24 22.37
C GLN A 32 -16.25 -1.87 21.47
N ARG A 33 -16.40 -0.78 20.73
CA ARG A 33 -15.31 -0.26 19.92
C ARG A 33 -15.22 1.24 20.14
N HIS A 34 -14.01 1.77 20.08
CA HIS A 34 -13.75 3.18 20.27
C HIS A 34 -13.38 3.78 18.92
N LEU A 35 -14.13 4.80 18.50
CA LEU A 35 -13.94 5.41 17.18
C LEU A 35 -12.98 6.59 17.30
N PHE A 36 -11.81 6.49 16.67
CA PHE A 36 -10.94 7.65 16.54
C PHE A 36 -11.57 8.69 15.60
N VAL A 37 -11.97 8.26 14.40
CA VAL A 37 -12.63 9.13 13.42
C VAL A 37 -13.74 8.32 12.73
N HIS A 38 -14.77 9.02 12.25
CA HIS A 38 -15.95 8.31 11.74
C HIS A 38 -16.69 9.21 10.76
N ILE A 39 -16.72 8.83 9.49
CA ILE A 39 -17.61 9.45 8.52
C ILE A 39 -18.72 8.44 8.22
N SER A 40 -19.96 8.89 8.24
CA SER A 40 -21.08 8.03 7.92
C SER A 40 -21.97 8.80 6.95
N GLN A 41 -22.12 8.26 5.73
CA GLN A 41 -22.95 8.91 4.73
C GLN A 41 -24.10 8.03 4.27
N HIS A 42 -24.75 7.33 5.21
CA HIS A 42 -26.10 6.84 4.97
C HIS A 42 -27.10 7.95 5.23
N CYS A 43 -28.04 8.13 4.30
CA CYS A 43 -29.02 9.22 4.36
C CYS A 43 -28.36 10.58 4.53
N PRO A 49 -27.06 21.14 0.95
CA PRO A 49 -26.19 22.30 0.76
C PRO A 49 -24.84 21.93 0.16
N PRO A 50 -24.20 22.87 -0.52
CA PRO A 50 -22.87 22.61 -1.09
C PRO A 50 -21.80 22.65 -0.01
N LEU A 51 -20.81 21.78 -0.16
CA LEU A 51 -19.72 21.72 0.80
C LEU A 51 -18.90 23.00 0.70
N GLU A 52 -18.25 23.36 1.80
CA GLU A 52 -17.27 24.43 1.70
C GLU A 52 -16.10 24.00 0.81
N SER A 53 -15.28 24.97 0.44
CA SER A 53 -14.17 24.75 -0.48
C SER A 53 -12.88 25.28 0.12
N VAL A 54 -11.77 24.62 -0.23
CA VAL A 54 -10.45 25.00 0.26
C VAL A 54 -9.50 24.86 -0.91
N ASP A 55 -8.68 25.89 -1.16
CA ASP A 55 -7.88 25.92 -2.36
C ASP A 55 -6.67 25.02 -2.18
N VAL A 56 -6.52 24.06 -3.09
CA VAL A 56 -5.60 22.95 -2.91
C VAL A 56 -4.15 23.43 -2.84
N ARG A 57 -3.85 24.56 -3.51
CA ARG A 57 -2.48 25.08 -3.46
C ARG A 57 -2.04 25.36 -2.05
N GLN A 58 -2.98 25.68 -1.16
CA GLN A 58 -2.65 26.04 0.21
C GLN A 58 -2.13 24.87 1.02
N ILE A 59 -2.34 23.63 0.57
CA ILE A 59 -1.94 22.45 1.31
C ILE A 59 -1.02 21.54 0.49
N TYR A 60 -0.60 22.02 -0.69
CA TYR A 60 0.39 21.31 -1.50
C TYR A 60 1.55 20.80 -0.65
N ASP A 61 2.09 21.65 0.21
CA ASP A 61 3.31 21.35 0.97
C ASP A 61 3.06 20.43 2.14
N LYS A 62 1.89 19.82 2.23
CA LYS A 62 1.58 18.90 3.31
C LYS A 62 1.52 17.46 2.82
N PHE A 63 1.73 17.25 1.52
CA PHE A 63 1.69 15.94 0.89
C PHE A 63 2.84 15.89 -0.11
N PRO A 64 3.25 14.69 -0.51
CA PRO A 64 4.52 14.53 -1.25
C PRO A 64 4.56 15.38 -2.51
N GLU A 65 5.74 15.41 -3.10
CA GLU A 65 5.97 16.09 -4.35
C GLU A 65 6.32 15.08 -5.45
N LYS A 66 6.91 15.56 -6.55
CA LYS A 66 7.32 14.72 -7.66
C LYS A 66 6.16 13.91 -8.25
N LYS A 67 5.83 12.75 -7.65
CA LYS A 67 4.85 11.84 -8.22
C LYS A 67 3.92 11.33 -7.12
N GLY A 68 2.62 11.25 -7.43
CA GLY A 68 1.65 10.90 -6.41
C GLY A 68 1.43 11.97 -5.37
N GLY A 69 2.05 13.14 -5.53
CA GLY A 69 1.73 14.26 -4.68
C GLY A 69 0.48 14.99 -5.14
N LEU A 70 0.07 15.98 -4.34
CA LEU A 70 -1.23 16.60 -4.55
C LEU A 70 -1.28 17.43 -5.83
N ARG A 71 -0.15 17.95 -6.29
CA ARG A 71 -0.17 18.90 -7.39
C ARG A 71 -0.29 18.20 -8.74
N GLU A 72 0.35 17.03 -8.88
CA GLU A 72 0.21 16.26 -10.11
C GLU A 72 -1.10 15.50 -10.14
N LEU A 73 -1.55 15.00 -8.98
CA LEU A 73 -2.86 14.36 -8.89
C LEU A 73 -3.96 15.31 -9.34
N TYR A 74 -4.02 16.51 -8.76
CA TYR A 74 -5.01 17.48 -9.20
C TYR A 74 -4.82 17.84 -10.66
N ASP A 75 -3.57 17.80 -11.13
CA ASP A 75 -3.26 18.10 -12.52
C ASP A 75 -3.75 17.01 -13.47
N ARG A 76 -3.75 15.75 -13.01
CA ARG A 76 -4.38 14.65 -13.75
C ARG A 76 -5.89 14.87 -13.83
N GLY A 77 -6.49 15.36 -12.75
CA GLY A 77 -7.92 15.49 -12.66
C GLY A 77 -8.57 14.15 -12.47
N PRO A 78 -9.91 14.13 -12.44
CA PRO A 78 -10.78 15.29 -12.58
C PRO A 78 -10.84 16.06 -11.28
N PRO A 79 -10.92 17.39 -11.40
CA PRO A 79 -10.91 18.26 -10.20
C PRO A 79 -12.00 17.94 -9.18
N HIS A 80 -13.20 17.57 -9.65
CA HIS A 80 -14.31 17.41 -8.72
C HIS A 80 -14.13 16.22 -7.76
N ALA A 81 -13.12 15.37 -7.96
CA ALA A 81 -12.95 14.22 -7.09
C ALA A 81 -12.13 14.50 -5.84
N PHE A 82 -11.72 15.74 -5.60
CA PHE A 82 -10.78 16.03 -4.53
C PHE A 82 -11.49 16.66 -3.34
N PHE A 83 -11.20 16.13 -2.15
CA PHE A 83 -11.81 16.56 -0.91
C PHE A 83 -10.74 16.73 0.16
N LEU A 84 -11.04 17.57 1.14
CA LEU A 84 -10.25 17.72 2.35
C LEU A 84 -11.16 17.43 3.53
N VAL A 85 -10.65 16.67 4.50
CA VAL A 85 -11.41 16.34 5.68
C VAL A 85 -10.57 16.74 6.90
N LYS A 86 -10.97 17.82 7.57
CA LYS A 86 -10.52 18.01 8.94
C LYS A 86 -11.22 17.02 9.88
N PHE A 87 -10.41 16.26 10.61
CA PHE A 87 -10.87 15.39 11.68
C PHE A 87 -10.52 15.98 13.04
N TRP A 88 -11.47 15.92 13.96
CA TRP A 88 -11.16 16.04 15.38
C TRP A 88 -11.17 14.63 15.94
N ALA A 89 -10.00 14.12 16.28
CA ALA A 89 -9.84 12.73 16.69
C ALA A 89 -10.07 12.57 18.19
N ASP A 90 -10.71 11.47 18.58
CA ASP A 90 -10.95 11.15 19.97
C ASP A 90 -9.89 10.14 20.44
N LEU A 91 -9.01 10.57 21.33
CA LEU A 91 -7.94 9.71 21.84
C LEU A 91 -8.11 9.39 23.32
N ASN A 92 -9.34 9.18 23.76
CA ASN A 92 -9.63 8.94 25.17
C ASN A 92 -10.39 7.63 25.31
N TRP A 93 -9.64 6.53 25.16
CA TRP A 93 -10.18 5.19 25.26
C TRP A 93 -9.49 4.41 26.38
N SER A 108 -1.54 -1.55 25.76
CA SER A 108 -2.60 -2.32 26.41
C SER A 108 -2.94 -3.59 25.62
N GLY A 109 -2.76 -3.53 24.29
CA GLY A 109 -2.77 -4.72 23.44
C GLY A 109 -4.11 -5.22 22.94
N GLY A 110 -4.81 -4.41 22.15
CA GLY A 110 -6.11 -4.78 21.59
C GLY A 110 -6.07 -4.99 20.09
N PHE A 111 -7.12 -4.60 19.37
CA PHE A 111 -7.14 -4.67 17.91
C PHE A 111 -7.47 -3.31 17.34
N TYR A 112 -6.66 -2.86 16.38
CA TYR A 112 -6.74 -1.54 15.78
C TYR A 112 -7.04 -1.68 14.30
N GLY A 113 -8.09 -1.02 13.81
CA GLY A 113 -8.49 -1.22 12.42
C GLY A 113 -9.18 -0.06 11.76
N VAL A 114 -9.19 -0.11 10.43
CA VAL A 114 -9.78 0.88 9.54
C VAL A 114 -10.78 0.18 8.62
N SER A 115 -11.92 0.84 8.35
CA SER A 115 -12.96 0.26 7.51
C SER A 115 -13.49 1.30 6.53
N SER A 116 -13.64 0.90 5.27
CA SER A 116 -14.19 1.81 4.28
C SER A 116 -15.20 1.07 3.42
N GLN A 117 -16.25 1.78 3.03
CA GLN A 117 -17.20 1.24 2.07
C GLN A 117 -17.49 2.33 1.07
N TYR A 118 -17.31 2.01 -0.21
CA TYR A 118 -17.67 2.88 -1.31
C TYR A 118 -18.82 2.23 -2.09
N GLU A 119 -19.41 3.00 -3.01
CA GLU A 119 -20.63 2.60 -3.68
C GLU A 119 -20.66 3.25 -5.05
N SER A 120 -21.00 2.46 -6.08
CA SER A 120 -21.09 3.01 -7.42
C SER A 120 -22.30 2.44 -8.14
N LEU A 121 -22.71 3.11 -9.22
CA LEU A 121 -23.69 2.52 -10.10
C LEU A 121 -23.08 1.49 -11.04
N GLU A 122 -21.77 1.55 -11.25
CA GLU A 122 -21.12 0.67 -12.20
C GLU A 122 -20.06 -0.19 -11.51
N HIS A 123 -19.70 -1.25 -12.23
CA HIS A 123 -18.83 -2.31 -11.74
C HIS A 123 -17.40 -2.03 -12.16
N MET A 124 -16.50 -2.00 -11.19
CA MET A 124 -15.08 -1.77 -11.44
C MET A 124 -14.27 -2.52 -10.41
N THR A 125 -12.96 -2.55 -10.62
CA THR A 125 -12.05 -2.94 -9.57
C THR A 125 -11.41 -1.67 -9.03
N LEU A 126 -11.51 -1.48 -7.71
CA LEU A 126 -10.93 -0.32 -7.03
C LEU A 126 -9.54 -0.65 -6.51
N THR A 127 -8.60 0.29 -6.71
CA THR A 127 -7.31 0.30 -6.02
C THR A 127 -7.30 1.48 -5.06
N CYS A 128 -7.09 1.19 -3.78
CA CYS A 128 -7.05 2.22 -2.75
C CYS A 128 -5.68 2.26 -2.09
N SER A 129 -4.98 3.39 -2.24
CA SER A 129 -3.75 3.65 -1.50
C SER A 129 -3.98 4.74 -0.47
N SER A 130 -3.34 4.57 0.69
CA SER A 130 -3.33 5.60 1.74
C SER A 130 -1.90 5.89 2.16
N LYS A 131 -1.34 7.01 1.67
CA LYS A 131 -0.02 7.47 2.07
C LYS A 131 -0.11 8.26 3.36
N VAL A 132 0.65 7.85 4.36
CA VAL A 132 0.85 8.67 5.55
C VAL A 132 2.06 9.58 5.34
N CYS A 133 1.91 10.84 5.73
CA CYS A 133 2.97 11.80 5.49
C CYS A 133 3.33 12.54 6.77
N SER A 134 4.61 12.84 6.92
CA SER A 134 5.10 13.64 8.05
C SER A 134 5.99 14.74 7.51
N PHE A 135 5.61 15.99 7.77
CA PHE A 135 6.25 17.17 7.18
C PHE A 135 6.32 17.07 5.67
N GLY A 136 5.33 16.39 5.07
CA GLY A 136 5.18 16.33 3.63
C GLY A 136 5.98 15.25 2.94
N LYS A 137 6.71 14.44 3.70
CA LYS A 137 7.46 13.30 3.18
C LYS A 137 6.62 12.06 3.44
N GLN A 138 6.26 11.33 2.37
CA GLN A 138 5.63 10.03 2.55
C GLN A 138 6.44 9.21 3.54
N VAL A 139 5.73 8.47 4.41
CA VAL A 139 6.34 7.73 5.51
C VAL A 139 5.96 6.26 5.46
N VAL A 140 4.66 5.97 5.34
CA VAL A 140 4.17 4.63 5.06
C VAL A 140 3.06 4.78 4.03
N GLU A 141 2.82 3.68 3.28
CA GLU A 141 1.78 3.62 2.26
C GLU A 141 1.23 2.20 2.22
N LYS A 142 -0.09 2.06 2.13
CA LYS A 142 -0.70 0.75 2.00
C LYS A 142 -1.60 0.77 0.77
N VAL A 143 -1.50 -0.26 -0.07
CA VAL A 143 -2.30 -0.36 -1.28
C VAL A 143 -3.12 -1.64 -1.22
N GLU A 144 -4.44 -1.51 -1.33
CA GLU A 144 -5.41 -2.58 -1.21
C GLU A 144 -6.29 -2.55 -2.44
N THR A 145 -6.74 -3.71 -2.89
CA THR A 145 -7.55 -3.79 -4.09
C THR A 145 -8.91 -4.38 -3.74
N GLU A 146 -9.92 -4.10 -4.58
CA GLU A 146 -11.28 -4.48 -4.21
C GLU A 146 -12.27 -4.33 -5.38
N ARG A 147 -12.75 -5.45 -5.90
CA ARG A 147 -13.73 -5.49 -6.97
C ARG A 147 -15.14 -5.46 -6.40
N ALA A 148 -16.11 -5.13 -7.25
CA ALA A 148 -17.45 -4.80 -6.80
C ALA A 148 -18.27 -6.03 -6.43
N GLN A 149 -19.18 -5.83 -5.48
CA GLN A 149 -20.19 -6.83 -5.11
C GLN A 149 -21.55 -6.22 -5.41
N LEU A 150 -22.25 -6.76 -6.41
CA LEU A 150 -23.54 -6.21 -6.83
C LEU A 150 -24.59 -6.44 -5.75
N GLU A 151 -25.16 -5.34 -5.27
CA GLU A 151 -26.24 -5.39 -4.31
C GLU A 151 -27.42 -4.60 -4.87
N ASP A 152 -28.10 -3.82 -4.02
CA ASP A 152 -29.39 -3.23 -4.37
C ASP A 152 -29.28 -2.24 -5.53
N GLY A 153 -29.20 -2.79 -6.74
CA GLY A 153 -29.17 -1.97 -7.95
C GLY A 153 -27.91 -1.14 -8.09
N ARG A 154 -26.96 -1.36 -7.18
CA ARG A 154 -25.69 -0.67 -7.20
C ARG A 154 -24.62 -1.58 -6.64
N PHE A 155 -23.37 -1.28 -7.02
CA PHE A 155 -22.21 -2.02 -6.57
C PHE A 155 -21.70 -1.43 -5.28
N VAL A 156 -21.24 -2.29 -4.37
CA VAL A 156 -20.64 -1.83 -3.13
C VAL A 156 -19.24 -2.41 -3.05
N TYR A 157 -18.34 -1.65 -2.44
CA TYR A 157 -16.95 -2.04 -2.24
C TYR A 157 -16.67 -1.98 -0.76
N ARG A 158 -16.26 -3.10 -0.18
CA ARG A 158 -16.12 -3.24 1.27
C ARG A 158 -14.67 -3.57 1.62
N LEU A 159 -13.98 -2.60 2.23
CA LEU A 159 -12.64 -2.77 2.79
C LEU A 159 -12.78 -2.61 4.30
N LEU A 160 -13.31 -3.64 4.94
CA LEU A 160 -13.60 -3.60 6.36
C LEU A 160 -12.51 -4.29 7.16
N ARG A 161 -12.18 -3.69 8.31
CA ARG A 161 -11.28 -4.28 9.30
C ARG A 161 -9.86 -4.48 8.77
N SER A 162 -9.37 -3.54 7.96
CA SER A 162 -7.96 -3.54 7.61
C SER A 162 -7.19 -3.27 8.90
N PRO A 163 -6.28 -4.15 9.30
CA PRO A 163 -5.46 -3.85 10.49
C PRO A 163 -4.64 -2.58 10.29
N MET A 164 -4.67 -1.69 11.28
CA MET A 164 -3.80 -0.52 11.22
C MET A 164 -2.35 -0.98 11.26
N CYS A 165 -1.50 -0.33 10.48
CA CYS A 165 -0.11 -0.68 10.54
C CYS A 165 0.48 -0.19 11.86
N GLU A 166 1.47 -0.92 12.34
CA GLU A 166 2.03 -0.67 13.67
C GLU A 166 2.59 0.75 13.79
N TYR A 167 2.98 1.36 12.67
CA TYR A 167 3.43 2.76 12.73
C TYR A 167 2.33 3.65 13.28
N LEU A 168 1.10 3.49 12.80
CA LEU A 168 0.00 4.29 13.31
C LEU A 168 -0.32 3.94 14.76
N VAL A 169 -0.41 2.66 15.07
CA VAL A 169 -0.79 2.28 16.43
C VAL A 169 0.21 2.81 17.43
N ASN A 170 1.50 2.71 17.12
CA ASN A 170 2.53 3.27 18.00
C ASN A 170 2.40 4.79 18.09
N PHE A 171 2.21 5.46 16.95
CA PHE A 171 2.01 6.90 16.99
C PHE A 171 0.83 7.26 17.89
N LEU A 172 -0.28 6.52 17.78
CA LEU A 172 -1.42 6.77 18.65
C LEU A 172 -1.03 6.63 20.12
N HIS A 173 -0.37 5.52 20.47
CA HIS A 173 0.05 5.31 21.86
C HIS A 173 0.98 6.41 22.34
N LYS A 174 1.84 6.94 21.46
CA LYS A 174 2.69 8.04 21.88
C LYS A 174 1.88 9.32 22.04
N LEU A 175 1.03 9.62 21.05
CA LEU A 175 0.25 10.84 21.06
C LEU A 175 -0.65 10.91 22.28
N ARG A 176 -1.38 9.82 22.57
CA ARG A 176 -2.30 9.76 23.69
C ARG A 176 -1.64 10.11 25.03
N GLN A 177 -0.29 10.10 25.08
CA GLN A 177 0.46 10.30 26.32
C GLN A 177 0.94 11.73 26.55
N LEU A 178 0.84 12.62 25.57
CA LEU A 178 1.41 13.96 25.75
C LEU A 178 0.56 14.75 26.74
N PRO A 179 1.20 15.68 27.49
CA PRO A 179 0.51 16.28 28.65
C PRO A 179 -0.53 17.35 28.33
N GLU A 180 -0.57 17.90 27.12
CA GLU A 180 -1.48 18.99 26.78
C GLU A 180 -2.08 18.75 25.42
N ARG A 181 -3.34 19.15 25.26
CA ARG A 181 -3.98 19.04 23.95
C ARG A 181 -3.24 19.86 22.91
N TYR A 182 -2.81 21.07 23.29
CA TYR A 182 -2.17 21.92 22.30
C TYR A 182 -0.91 21.28 21.74
N MET A 183 -0.23 20.46 22.54
CA MET A 183 0.96 19.76 22.04
C MET A 183 0.58 18.65 21.06
N MET A 184 -0.48 17.90 21.39
CA MET A 184 -1.03 16.95 20.43
C MET A 184 -1.34 17.64 19.11
N ASN A 185 -2.03 18.78 19.17
CA ASN A 185 -2.36 19.45 17.93
C ASN A 185 -1.10 19.94 17.19
N SER A 186 -0.08 20.39 17.93
CA SER A 186 1.17 20.83 17.32
C SER A 186 1.82 19.70 16.54
N VAL A 187 1.94 18.53 17.18
CA VAL A 187 2.53 17.38 16.53
C VAL A 187 1.71 16.98 15.31
N LEU A 188 0.39 16.89 15.48
CA LEU A 188 -0.51 16.54 14.38
C LEU A 188 -0.46 17.56 13.25
N GLU A 189 0.00 18.79 13.51
CA GLU A 189 0.04 19.80 12.45
C GLU A 189 0.90 19.33 11.28
N ASN A 190 1.84 18.42 11.54
CA ASN A 190 2.75 17.93 10.52
C ASN A 190 2.46 16.49 10.09
N PHE A 191 1.26 15.98 10.38
CA PHE A 191 0.91 14.58 10.08
C PHE A 191 -0.35 14.55 9.25
N THR A 192 -0.27 13.98 8.05
CA THR A 192 -1.42 13.95 7.17
C THR A 192 -1.52 12.60 6.45
N ILE A 193 -2.70 12.34 5.89
CA ILE A 193 -2.98 11.10 5.20
C ILE A 193 -3.69 11.44 3.88
N LEU A 194 -3.24 10.84 2.79
CA LEU A 194 -3.80 11.07 1.46
C LEU A 194 -4.34 9.74 0.91
N GLN A 195 -5.58 9.77 0.45
CA GLN A 195 -6.30 8.55 0.01
C GLN A 195 -6.65 8.71 -1.47
N VAL A 196 -6.08 7.86 -2.30
CA VAL A 196 -6.32 7.91 -3.74
C VAL A 196 -7.03 6.62 -4.14
N VAL A 197 -8.29 6.73 -4.58
CA VAL A 197 -9.04 5.61 -5.13
C VAL A 197 -9.04 5.74 -6.65
N THR A 198 -8.59 4.68 -7.35
CA THR A 198 -8.56 4.70 -8.80
C THR A 198 -9.19 3.44 -9.38
N ASN A 199 -9.77 3.57 -10.56
CA ASN A 199 -10.25 2.43 -11.31
C ASN A 199 -9.05 1.56 -11.67
N ARG A 200 -8.94 0.37 -11.07
CA ARG A 200 -7.71 -0.41 -11.20
C ARG A 200 -7.42 -0.73 -12.67
N ASP A 201 -8.47 -0.97 -13.45
CA ASP A 201 -8.24 -1.41 -14.81
C ASP A 201 -7.83 -0.24 -15.70
N THR A 202 -8.53 0.88 -15.58
CA THR A 202 -8.38 2.01 -16.48
C THR A 202 -7.49 3.13 -15.95
N GLN A 203 -7.05 3.05 -14.69
CA GLN A 203 -6.17 3.99 -13.99
C GLN A 203 -6.81 5.36 -13.72
N GLU A 204 -8.08 5.56 -14.07
CA GLU A 204 -8.64 6.89 -13.86
C GLU A 204 -8.90 7.12 -12.37
N LEU A 205 -8.66 8.35 -11.95
CA LEU A 205 -8.94 8.81 -10.60
C LEU A 205 -10.44 8.91 -10.36
N LEU A 206 -10.91 8.27 -9.30
CA LEU A 206 -12.31 8.33 -8.91
C LEU A 206 -12.57 9.25 -7.72
N LEU A 207 -11.64 9.31 -6.76
CA LEU A 207 -11.82 9.99 -5.49
C LEU A 207 -10.47 10.19 -4.81
N CYS A 208 -10.21 11.40 -4.32
CA CYS A 208 -8.95 11.73 -3.69
C CYS A 208 -9.24 12.61 -2.48
N THR A 209 -8.64 12.27 -1.34
CA THR A 209 -9.13 12.70 -0.04
C THR A 209 -7.95 13.01 0.87
N ALA A 210 -7.74 14.30 1.19
CA ALA A 210 -6.69 14.69 2.12
C ALA A 210 -7.29 14.73 3.52
N TYR A 211 -6.57 14.17 4.50
CA TYR A 211 -6.98 14.24 5.91
C TYR A 211 -5.95 15.04 6.72
N VAL A 212 -6.45 16.03 7.47
CA VAL A 212 -5.66 16.75 8.47
C VAL A 212 -6.36 16.59 9.82
N PHE A 213 -5.57 16.53 10.89
CA PHE A 213 -6.06 16.06 12.19
C PHE A 213 -5.77 17.03 13.34
N GLU A 214 -6.80 17.33 14.14
CA GLU A 214 -6.67 17.86 15.48
C GLU A 214 -7.12 16.80 16.48
N VAL A 215 -6.99 17.08 17.78
CA VAL A 215 -7.60 16.23 18.79
C VAL A 215 -8.82 16.95 19.32
N SER A 216 -9.85 16.16 19.57
CA SER A 216 -11.10 16.62 20.15
C SER A 216 -11.01 16.62 21.66
N THR A 217 -11.57 17.66 22.29
CA THR A 217 -11.69 17.67 23.75
C THR A 217 -12.68 16.58 24.15
N SER A 218 -12.19 15.35 24.38
CA SER A 218 -13.01 14.14 24.29
C SER A 218 -14.24 14.04 25.20
N GLU A 219 -14.63 15.12 25.88
CA GLU A 219 -16.06 15.26 26.16
C GLU A 219 -16.83 15.11 24.86
N ARG A 220 -16.36 15.78 23.81
CA ARG A 220 -16.83 15.55 22.45
C ARG A 220 -16.00 14.44 21.81
N GLY A 221 -16.69 13.42 21.31
CA GLY A 221 -16.00 12.40 20.55
C GLY A 221 -15.59 12.92 19.18
N ALA A 222 -15.34 12.01 18.25
CA ALA A 222 -14.79 12.42 16.97
C ALA A 222 -15.74 13.31 16.21
N GLN A 223 -15.18 14.18 15.40
CA GLN A 223 -15.97 15.08 14.57
C GLN A 223 -15.16 15.35 13.32
N HIS A 224 -15.83 15.84 12.29
CA HIS A 224 -15.15 16.07 11.02
C HIS A 224 -15.84 17.20 10.27
N HIS A 225 -15.14 17.75 9.28
CA HIS A 225 -15.71 18.72 8.37
C HIS A 225 -15.10 18.47 7.00
N ILE A 226 -15.95 18.30 6.00
CA ILE A 226 -15.54 17.94 4.64
C ILE A 226 -15.57 19.19 3.78
N TYR A 227 -14.48 19.42 3.03
CA TYR A 227 -14.40 20.49 2.05
C TYR A 227 -14.09 19.89 0.69
N ARG A 228 -14.52 20.60 -0.34
CA ARG A 228 -14.02 20.35 -1.70
C ARG A 228 -12.71 21.10 -1.93
N LEU A 229 -11.80 20.49 -2.69
CA LEU A 229 -10.52 21.10 -3.05
C LEU A 229 -10.63 21.65 -4.47
N VAL A 230 -10.46 22.97 -4.60
CA VAL A 230 -10.68 23.65 -5.87
C VAL A 230 -9.40 24.40 -6.21
N ARG A 231 -9.36 25.04 -7.38
CA ARG A 231 -8.19 25.75 -7.90
C ARG A 231 -8.61 26.79 -8.92
N GLY B 7 14.85 -23.76 -10.38
CA GLY B 7 13.91 -22.64 -10.49
C GLY B 7 13.32 -22.05 -9.20
N LEU B 8 12.64 -20.91 -9.33
CA LEU B 8 11.99 -20.24 -8.21
C LEU B 8 10.52 -20.64 -8.16
N GLY B 9 10.17 -21.43 -7.14
CA GLY B 9 8.80 -21.90 -6.98
C GLY B 9 8.76 -23.16 -6.14
N THR B 10 7.56 -23.76 -6.08
CA THR B 10 7.30 -24.94 -5.27
C THR B 10 6.55 -25.97 -6.13
N ALA B 11 6.26 -27.15 -5.57
CA ALA B 11 5.42 -28.09 -6.29
C ALA B 11 4.00 -27.59 -6.49
N ARG B 12 3.62 -26.49 -5.80
CA ARG B 12 2.24 -26.00 -5.88
C ARG B 12 2.12 -24.76 -6.75
N LEU B 13 3.23 -24.05 -6.99
CA LEU B 13 3.23 -22.74 -7.62
C LEU B 13 4.66 -22.37 -8.03
N GLN B 14 4.81 -21.83 -9.25
CA GLN B 14 6.10 -21.51 -9.85
C GLN B 14 6.03 -20.12 -10.47
N LEU B 15 7.11 -19.35 -10.30
CA LEU B 15 7.32 -18.15 -11.09
C LEU B 15 7.73 -18.52 -12.50
N VAL B 16 7.12 -17.85 -13.48
CA VAL B 16 7.45 -18.04 -14.88
C VAL B 16 8.23 -16.86 -15.43
N GLU B 17 7.85 -15.65 -15.04
CA GLU B 17 8.29 -14.43 -15.71
C GLU B 17 8.05 -13.27 -14.77
N PHE B 18 9.09 -12.53 -14.46
CA PHE B 18 8.95 -11.33 -13.68
C PHE B 18 9.84 -10.26 -14.29
N SER B 19 9.37 -9.02 -14.22
CA SER B 19 10.10 -7.92 -14.80
C SER B 19 9.57 -6.60 -14.25
N ALA B 20 10.47 -5.62 -14.18
CA ALA B 20 10.10 -4.25 -13.83
C ALA B 20 10.72 -3.32 -14.85
N PHE B 21 9.92 -2.39 -15.37
CA PHE B 21 10.27 -1.73 -16.63
C PHE B 21 9.76 -0.30 -16.66
N VAL B 22 10.30 0.46 -17.60
CA VAL B 22 9.83 1.80 -17.92
C VAL B 22 9.75 1.94 -19.44
N GLU B 23 8.76 2.70 -19.90
CA GLU B 23 8.55 2.98 -21.32
C GLU B 23 7.89 4.34 -21.41
N PRO B 24 8.14 5.10 -22.49
CA PRO B 24 7.56 6.45 -22.53
C PRO B 24 6.21 6.47 -23.25
N ARG B 33 10.20 -0.33 -22.81
CA ARG B 33 11.19 -1.12 -23.53
C ARG B 33 12.47 -1.38 -22.70
N HIS B 34 12.75 -0.53 -21.70
CA HIS B 34 13.87 -0.76 -20.79
C HIS B 34 13.38 -1.47 -19.54
N LEU B 35 14.07 -2.55 -19.18
CA LEU B 35 13.77 -3.34 -17.99
C LEU B 35 14.86 -3.19 -16.95
N PHE B 36 14.46 -2.92 -15.71
CA PHE B 36 15.41 -2.83 -14.61
C PHE B 36 15.84 -4.21 -14.14
N VAL B 37 14.91 -5.19 -14.16
CA VAL B 37 15.18 -6.54 -13.66
C VAL B 37 14.28 -7.49 -14.44
N HIS B 38 14.72 -8.74 -14.56
CA HIS B 38 14.02 -9.65 -15.45
C HIS B 38 14.40 -11.08 -15.06
N ILE B 39 13.41 -11.85 -14.64
CA ILE B 39 13.54 -13.27 -14.39
C ILE B 39 12.69 -13.98 -15.44
N SER B 40 13.33 -14.72 -16.33
CA SER B 40 12.64 -15.56 -17.31
C SER B 40 12.85 -17.02 -16.98
N GLN B 41 11.76 -17.75 -16.85
CA GLN B 41 11.81 -19.16 -16.52
C GLN B 41 10.87 -19.97 -17.42
N PRO B 50 21.92 -26.47 -9.18
CA PRO B 50 20.59 -26.79 -8.65
C PRO B 50 20.23 -25.96 -7.42
N LEU B 51 20.34 -24.63 -7.54
CA LEU B 51 19.84 -23.65 -6.59
C LEU B 51 20.55 -23.64 -5.24
N GLU B 52 21.48 -22.69 -5.05
CA GLU B 52 22.25 -22.55 -3.80
C GLU B 52 21.32 -22.20 -2.64
N SER B 53 21.87 -22.04 -1.43
CA SER B 53 21.05 -21.74 -0.27
C SER B 53 21.78 -20.81 0.68
N VAL B 54 21.08 -19.75 1.08
CA VAL B 54 21.57 -18.75 2.04
C VAL B 54 20.79 -18.91 3.33
N ASP B 55 21.42 -18.53 4.43
CA ASP B 55 20.80 -18.63 5.74
C ASP B 55 19.67 -17.60 5.91
N VAL B 56 18.59 -18.01 6.56
CA VAL B 56 17.49 -17.09 6.83
C VAL B 56 17.81 -16.19 8.02
N ARG B 57 18.83 -16.54 8.81
CA ARG B 57 19.23 -15.71 9.93
C ARG B 57 20.16 -14.55 9.52
N GLN B 58 20.75 -14.61 8.33
CA GLN B 58 21.62 -13.52 7.87
C GLN B 58 20.84 -12.24 7.58
N ILE B 59 19.54 -12.34 7.32
CA ILE B 59 18.78 -11.21 6.80
C ILE B 59 17.50 -11.00 7.61
N TYR B 60 17.54 -11.32 8.90
CA TYR B 60 16.44 -10.96 9.79
C TYR B 60 16.40 -9.46 10.04
N ASP B 61 17.57 -8.81 10.12
CA ASP B 61 17.71 -7.37 10.36
C ASP B 61 17.38 -6.52 9.14
N LYS B 62 16.87 -7.12 8.06
CA LYS B 62 16.55 -6.41 6.83
C LYS B 62 15.05 -6.30 6.60
N PHE B 63 14.23 -6.66 7.59
CA PHE B 63 12.79 -6.77 7.45
C PHE B 63 12.13 -6.42 8.77
N PRO B 64 10.83 -6.09 8.76
CA PRO B 64 10.16 -5.70 10.00
C PRO B 64 9.98 -6.89 10.93
N GLU B 65 9.95 -6.59 12.23
CA GLU B 65 9.78 -7.61 13.25
C GLU B 65 8.61 -7.30 14.19
N LEU B 70 9.55 -11.38 8.64
CA LEU B 70 10.19 -12.56 8.07
C LEU B 70 10.52 -13.61 9.11
N ARG B 71 11.01 -13.15 10.27
CA ARG B 71 11.27 -14.07 11.38
C ARG B 71 10.01 -14.85 11.72
N GLU B 72 8.86 -14.17 11.70
CA GLU B 72 7.60 -14.84 11.97
C GLU B 72 7.19 -15.74 10.81
N LEU B 73 7.33 -15.25 9.57
CA LEU B 73 6.90 -16.01 8.40
C LEU B 73 7.51 -17.40 8.36
N TYR B 74 8.80 -17.51 8.69
CA TYR B 74 9.48 -18.79 8.54
C TYR B 74 8.97 -19.82 9.53
N ASP B 75 8.56 -19.39 10.73
CA ASP B 75 8.11 -20.34 11.74
C ASP B 75 6.73 -20.92 11.40
N ARG B 76 5.89 -20.15 10.69
CA ARG B 76 4.63 -20.70 10.21
C ARG B 76 4.84 -21.89 9.30
N GLY B 77 5.95 -21.92 8.57
CA GLY B 77 6.13 -22.86 7.51
C GLY B 77 5.31 -22.46 6.31
N PRO B 78 5.46 -23.19 5.21
CA PRO B 78 6.45 -24.25 5.00
C PRO B 78 7.82 -23.67 4.61
N PRO B 79 8.89 -24.17 5.23
CA PRO B 79 10.22 -23.58 4.99
C PRO B 79 10.69 -23.68 3.54
N HIS B 80 10.25 -24.70 2.79
CA HIS B 80 10.69 -24.90 1.41
C HIS B 80 10.07 -23.92 0.43
N ALA B 81 9.31 -22.93 0.91
CA ALA B 81 8.69 -21.90 0.07
C ALA B 81 9.44 -20.57 0.07
N PHE B 82 10.52 -20.44 0.87
CA PHE B 82 11.17 -19.16 1.13
C PHE B 82 12.42 -19.00 0.28
N PHE B 83 12.38 -18.08 -0.67
CA PHE B 83 13.50 -17.83 -1.56
C PHE B 83 14.02 -16.41 -1.36
N LEU B 84 15.36 -16.28 -1.50
CA LEU B 84 16.06 -15.02 -1.61
C LEU B 84 16.44 -14.82 -3.07
N VAL B 85 16.20 -13.61 -3.59
CA VAL B 85 16.70 -13.23 -4.90
C VAL B 85 17.61 -12.02 -4.75
N LYS B 86 18.83 -12.10 -5.26
CA LYS B 86 19.68 -10.92 -5.33
C LYS B 86 19.61 -10.36 -6.75
N PHE B 87 19.24 -9.09 -6.88
CA PHE B 87 19.19 -8.43 -8.18
C PHE B 87 20.37 -7.50 -8.40
N TRP B 88 20.84 -7.47 -9.65
CA TRP B 88 21.80 -6.50 -10.18
C TRP B 88 21.07 -5.70 -11.24
N ALA B 89 20.45 -4.60 -10.81
CA ALA B 89 19.59 -3.82 -11.70
C ALA B 89 20.43 -3.04 -12.70
N ASP B 90 19.96 -2.98 -13.94
CA ASP B 90 20.54 -2.11 -14.96
C ASP B 90 19.72 -0.82 -14.97
N LEU B 91 20.28 0.24 -14.37
CA LEU B 91 19.58 1.50 -14.18
C LEU B 91 19.95 2.54 -15.24
N ASN B 92 20.35 2.12 -16.44
CA ASN B 92 20.83 3.04 -17.46
C ASN B 92 19.78 3.20 -18.55
N TRP B 93 18.98 4.27 -18.45
CA TRP B 93 18.05 4.69 -19.48
C TRP B 93 17.94 6.22 -19.49
N GLY B 110 6.81 8.94 -18.29
CA GLY B 110 6.76 7.58 -18.81
C GLY B 110 5.89 6.64 -17.98
N PHE B 111 5.81 5.39 -18.38
CA PHE B 111 5.02 4.41 -17.63
C PHE B 111 5.95 3.41 -16.94
N TYR B 112 5.88 3.39 -15.61
CA TYR B 112 6.67 2.50 -14.76
C TYR B 112 5.74 1.41 -14.23
N GLY B 113 6.01 0.16 -14.61
CA GLY B 113 5.11 -0.92 -14.30
C GLY B 113 5.86 -2.18 -13.89
N VAL B 114 5.12 -3.09 -13.27
CA VAL B 114 5.69 -4.35 -12.80
C VAL B 114 4.82 -5.50 -13.33
N SER B 115 5.46 -6.51 -13.92
CA SER B 115 4.78 -7.64 -14.52
C SER B 115 5.24 -8.93 -13.84
N SER B 116 4.29 -9.74 -13.38
CA SER B 116 4.58 -11.01 -12.73
C SER B 116 3.60 -12.07 -13.23
N GLN B 117 4.09 -13.29 -13.44
CA GLN B 117 3.25 -14.33 -13.98
C GLN B 117 3.59 -15.65 -13.33
N TYR B 118 2.59 -16.30 -12.75
CA TYR B 118 2.80 -17.54 -12.02
C TYR B 118 2.07 -18.69 -12.70
N GLU B 119 2.18 -19.87 -12.07
CA GLU B 119 1.81 -21.13 -12.70
C GLU B 119 1.48 -22.16 -11.66
N SER B 120 0.49 -22.99 -11.98
CA SER B 120 0.04 -24.05 -11.10
C SER B 120 -0.74 -25.12 -11.87
N LEU B 121 -0.63 -26.35 -11.40
CA LEU B 121 -1.58 -27.37 -11.86
C LEU B 121 -2.94 -27.28 -11.16
N GLU B 122 -3.07 -26.46 -10.11
CA GLU B 122 -4.30 -26.40 -9.33
C GLU B 122 -4.99 -25.07 -9.53
N HIS B 123 -6.32 -25.11 -9.58
CA HIS B 123 -7.10 -23.88 -9.67
C HIS B 123 -7.13 -23.22 -8.29
N MET B 124 -6.65 -21.98 -8.23
CA MET B 124 -6.49 -21.29 -6.97
C MET B 124 -6.86 -19.82 -7.15
N THR B 125 -7.04 -19.13 -6.03
CA THR B 125 -7.06 -17.68 -6.00
C THR B 125 -5.88 -17.20 -5.16
N LEU B 126 -5.11 -16.27 -5.70
CA LEU B 126 -3.88 -15.85 -5.06
C LEU B 126 -4.05 -14.51 -4.34
N THR B 127 -3.42 -14.40 -3.19
CA THR B 127 -3.18 -13.11 -2.53
C THR B 127 -1.69 -12.86 -2.56
N CYS B 128 -1.27 -11.78 -3.25
CA CYS B 128 0.14 -11.39 -3.31
C CYS B 128 0.32 -10.13 -2.46
N SER B 129 1.16 -10.24 -1.44
CA SER B 129 1.46 -9.11 -0.56
C SER B 129 2.91 -8.69 -0.73
N SER B 130 3.13 -7.46 -1.20
CA SER B 130 4.47 -6.90 -1.41
C SER B 130 4.74 -5.84 -0.33
N LYS B 131 5.93 -5.90 0.27
CA LYS B 131 6.30 -5.01 1.37
C LYS B 131 7.69 -4.44 1.12
N VAL B 132 7.76 -3.13 0.83
CA VAL B 132 9.03 -2.44 0.61
C VAL B 132 9.56 -1.95 1.96
N CYS B 133 10.84 -2.20 2.23
CA CYS B 133 11.47 -1.75 3.46
C CYS B 133 12.67 -0.87 3.18
N SER B 134 12.66 0.34 3.75
CA SER B 134 13.83 1.20 3.92
C SER B 134 14.29 1.08 5.36
N PHE B 135 15.52 0.60 5.55
CA PHE B 135 16.14 0.50 6.88
C PHE B 135 15.34 -0.40 7.82
N GLY B 136 14.85 -1.53 7.30
CA GLY B 136 14.12 -2.47 8.13
C GLY B 136 12.74 -2.01 8.57
N LYS B 137 12.30 -0.84 8.11
CA LYS B 137 10.96 -0.34 8.38
C LYS B 137 10.16 -0.45 7.10
N GLN B 138 8.90 -0.84 7.25
CA GLN B 138 8.06 -1.15 6.11
C GLN B 138 7.44 0.17 5.63
N VAL B 139 7.90 0.65 4.48
CA VAL B 139 7.42 1.93 3.96
C VAL B 139 6.28 1.81 2.94
N VAL B 140 6.11 0.66 2.28
CA VAL B 140 4.89 0.43 1.51
C VAL B 140 4.47 -1.04 1.60
N GLU B 141 3.16 -1.27 1.71
CA GLU B 141 2.59 -2.60 1.54
C GLU B 141 1.55 -2.51 0.43
N LYS B 142 1.56 -3.50 -0.48
CA LYS B 142 0.63 -3.56 -1.59
C LYS B 142 0.04 -4.96 -1.70
N VAL B 143 -1.29 -5.08 -1.57
CA VAL B 143 -1.97 -6.38 -1.56
C VAL B 143 -2.82 -6.54 -2.83
N GLU B 144 -2.54 -7.62 -3.58
CA GLU B 144 -3.19 -7.92 -4.86
C GLU B 144 -3.90 -9.27 -4.80
N THR B 145 -4.91 -9.41 -5.66
CA THR B 145 -5.66 -10.65 -5.81
C THR B 145 -5.66 -11.04 -7.30
N GLU B 146 -5.36 -12.30 -7.59
CA GLU B 146 -5.40 -12.77 -8.97
C GLU B 146 -5.98 -14.18 -9.03
N ARG B 147 -6.98 -14.37 -9.88
CA ARG B 147 -7.57 -15.69 -10.04
C ARG B 147 -6.93 -16.43 -11.21
N ALA B 148 -6.93 -17.76 -11.10
CA ALA B 148 -6.30 -18.57 -12.12
C ALA B 148 -7.02 -18.40 -13.44
N GLN B 149 -6.27 -18.51 -14.53
CA GLN B 149 -6.84 -18.54 -15.86
C GLN B 149 -6.39 -19.83 -16.53
N LEU B 150 -7.34 -20.56 -17.13
CA LEU B 150 -7.00 -21.85 -17.74
C LEU B 150 -6.34 -21.58 -19.09
N GLU B 151 -5.13 -22.12 -19.27
CA GLU B 151 -4.36 -21.89 -20.48
C GLU B 151 -3.40 -23.05 -20.69
N ASP B 152 -3.54 -23.77 -21.81
CA ASP B 152 -2.57 -24.80 -22.19
C ASP B 152 -2.52 -25.93 -21.16
N GLY B 153 -3.69 -26.35 -20.68
CA GLY B 153 -3.75 -27.39 -19.68
C GLY B 153 -3.09 -27.07 -18.35
N ARG B 154 -2.95 -25.78 -18.01
CA ARG B 154 -2.34 -25.33 -16.76
C ARG B 154 -3.00 -24.02 -16.35
N PHE B 155 -2.97 -23.75 -15.06
CA PHE B 155 -3.49 -22.47 -14.59
C PHE B 155 -2.34 -21.47 -14.48
N VAL B 156 -2.57 -20.28 -15.01
CA VAL B 156 -1.62 -19.17 -14.96
C VAL B 156 -2.24 -18.04 -14.17
N TYR B 157 -1.38 -17.20 -13.58
CA TYR B 157 -1.81 -16.07 -12.76
C TYR B 157 -1.03 -14.86 -13.23
N ARG B 158 -1.63 -14.07 -14.14
CA ARG B 158 -0.95 -12.98 -14.83
C ARG B 158 -1.27 -11.65 -14.15
N LEU B 159 -0.35 -11.18 -13.31
CA LEU B 159 -0.49 -9.87 -12.67
C LEU B 159 0.40 -8.90 -13.44
N LEU B 160 -0.13 -8.41 -14.56
CA LEU B 160 0.65 -7.80 -15.62
C LEU B 160 0.49 -6.27 -15.64
N ARG B 161 1.64 -5.59 -15.79
CA ARG B 161 1.71 -4.14 -15.99
C ARG B 161 1.06 -3.36 -14.86
N SER B 162 1.25 -3.84 -13.64
CA SER B 162 0.71 -3.11 -12.50
C SER B 162 1.54 -1.83 -12.31
N PRO B 163 0.90 -0.66 -12.26
CA PRO B 163 1.68 0.58 -12.17
C PRO B 163 2.53 0.56 -10.92
N MET B 164 3.79 0.99 -11.07
CA MET B 164 4.72 0.97 -9.95
C MET B 164 4.28 1.90 -8.84
N CYS B 165 4.52 1.46 -7.61
CA CYS B 165 4.26 2.27 -6.41
C CYS B 165 4.78 3.70 -6.58
N GLU B 166 4.05 4.65 -5.98
CA GLU B 166 4.45 6.05 -6.04
C GLU B 166 5.81 6.26 -5.39
N TYR B 167 6.07 5.55 -4.29
CA TYR B 167 7.34 5.66 -3.60
C TYR B 167 8.49 5.20 -4.49
N LEU B 168 8.32 4.04 -5.14
CA LEU B 168 9.42 3.43 -5.88
C LEU B 168 9.85 4.26 -7.09
N VAL B 169 8.94 4.98 -7.75
CA VAL B 169 9.37 5.74 -8.92
C VAL B 169 10.13 6.99 -8.49
N ASN B 170 9.69 7.63 -7.40
CA ASN B 170 10.43 8.76 -6.86
C ASN B 170 11.78 8.31 -6.30
N PHE B 171 11.85 7.09 -5.78
CA PHE B 171 13.13 6.49 -5.44
C PHE B 171 14.02 6.39 -6.68
N LEU B 172 13.56 5.63 -7.71
CA LEU B 172 14.34 5.36 -8.91
C LEU B 172 14.81 6.63 -9.62
N HIS B 173 14.05 7.72 -9.53
CA HIS B 173 14.48 8.96 -10.16
C HIS B 173 15.62 9.59 -9.35
N LYS B 174 15.49 9.60 -8.02
CA LYS B 174 16.59 10.01 -7.17
C LYS B 174 17.79 9.10 -7.38
N LEU B 175 17.55 7.78 -7.33
CA LEU B 175 18.61 6.78 -7.47
C LEU B 175 19.38 6.96 -8.77
N ARG B 176 18.66 7.14 -9.87
CA ARG B 176 19.31 7.38 -11.16
C ARG B 176 20.27 8.55 -11.06
N GLN B 177 20.01 9.53 -10.16
CA GLN B 177 20.80 10.76 -10.17
C GLN B 177 22.22 10.56 -9.66
N LEU B 178 22.44 9.67 -8.68
CA LEU B 178 23.75 9.56 -8.05
C LEU B 178 24.83 9.29 -9.09
N PRO B 179 25.97 9.99 -9.02
CA PRO B 179 26.98 9.92 -10.09
C PRO B 179 27.90 8.71 -10.07
N GLU B 180 27.86 7.87 -9.03
CA GLU B 180 28.72 6.70 -8.93
C GLU B 180 27.90 5.47 -8.55
N ARG B 181 28.24 4.34 -9.14
CA ARG B 181 27.41 3.16 -8.88
C ARG B 181 27.70 2.54 -7.51
N TYR B 182 28.89 2.79 -6.95
CA TYR B 182 29.14 2.37 -5.58
C TYR B 182 28.32 3.19 -4.61
N MET B 183 27.85 4.38 -5.01
CA MET B 183 26.93 5.13 -4.16
C MET B 183 25.53 4.50 -4.17
N MET B 184 24.95 4.31 -5.36
CA MET B 184 23.74 3.51 -5.56
C MET B 184 23.72 2.21 -4.75
N ASN B 185 24.77 1.40 -4.82
CA ASN B 185 24.82 0.21 -3.97
C ASN B 185 24.78 0.57 -2.48
N SER B 186 25.50 1.63 -2.07
CA SER B 186 25.41 2.07 -0.68
C SER B 186 23.97 2.41 -0.27
N VAL B 187 23.21 3.07 -1.16
CA VAL B 187 21.84 3.46 -0.81
C VAL B 187 20.92 2.23 -0.79
N LEU B 188 21.12 1.30 -1.73
CA LEU B 188 20.31 0.10 -1.85
C LEU B 188 20.61 -0.92 -0.76
N GLU B 189 21.79 -0.84 -0.15
CA GLU B 189 22.16 -1.72 0.94
C GLU B 189 21.08 -1.84 2.02
N ASN B 190 20.19 -0.84 2.14
CA ASN B 190 19.14 -0.82 3.15
C ASN B 190 17.73 -0.92 2.55
N PHE B 191 17.59 -1.37 1.31
CA PHE B 191 16.31 -1.35 0.64
C PHE B 191 15.97 -2.77 0.19
N THR B 192 14.84 -3.30 0.67
CA THR B 192 14.50 -4.70 0.43
C THR B 192 13.02 -4.84 0.10
N ILE B 193 12.67 -5.89 -0.64
CA ILE B 193 11.29 -6.13 -1.01
C ILE B 193 10.91 -7.55 -0.60
N LEU B 194 9.77 -7.69 0.06
CA LEU B 194 9.27 -8.97 0.53
C LEU B 194 7.93 -9.27 -0.13
N GLN B 195 7.84 -10.43 -0.76
CA GLN B 195 6.64 -10.87 -1.49
C GLN B 195 6.14 -12.17 -0.88
N VAL B 196 4.93 -12.13 -0.36
CA VAL B 196 4.29 -13.26 0.28
C VAL B 196 3.06 -13.63 -0.53
N VAL B 197 3.15 -14.73 -1.27
CA VAL B 197 2.03 -15.22 -2.07
C VAL B 197 1.33 -16.32 -1.30
N THR B 198 0.04 -16.13 -1.05
CA THR B 198 -0.80 -17.07 -0.33
C THR B 198 -2.00 -17.47 -1.16
N ASN B 199 -2.55 -18.65 -0.83
CA ASN B 199 -3.84 -19.10 -1.36
C ASN B 199 -4.95 -18.30 -0.70
N ARG B 200 -5.66 -17.46 -1.48
CA ARG B 200 -6.64 -16.55 -0.89
C ARG B 200 -7.72 -17.28 -0.11
N ASP B 201 -8.04 -18.52 -0.50
CA ASP B 201 -9.20 -19.21 0.08
C ASP B 201 -8.85 -20.06 1.30
N THR B 202 -7.59 -20.45 1.46
CA THR B 202 -7.22 -21.23 2.63
C THR B 202 -6.12 -20.59 3.46
N GLN B 203 -5.52 -19.49 3.00
CA GLN B 203 -4.49 -18.75 3.72
C GLN B 203 -3.17 -19.53 3.85
N GLU B 204 -3.01 -20.61 3.07
CA GLU B 204 -1.73 -21.33 3.02
C GLU B 204 -0.67 -20.44 2.42
N LEU B 205 0.57 -20.58 2.92
CA LEU B 205 1.72 -19.92 2.32
C LEU B 205 2.15 -20.69 1.08
N LEU B 206 2.09 -20.04 -0.08
CA LEU B 206 2.58 -20.70 -1.30
C LEU B 206 4.01 -20.30 -1.63
N LEU B 207 4.33 -19.01 -1.51
CA LEU B 207 5.60 -18.46 -1.96
C LEU B 207 5.94 -17.23 -1.13
N CYS B 208 7.20 -17.15 -0.74
CA CYS B 208 7.69 -16.01 0.04
C CYS B 208 9.07 -15.68 -0.52
N THR B 209 9.21 -14.51 -1.15
CA THR B 209 10.49 -14.10 -1.70
C THR B 209 10.99 -12.79 -1.08
N ALA B 210 12.28 -12.79 -0.77
CA ALA B 210 13.00 -11.59 -0.35
C ALA B 210 13.89 -11.16 -1.51
N TYR B 211 13.82 -9.87 -1.85
CA TYR B 211 14.65 -9.28 -2.90
C TYR B 211 15.61 -8.24 -2.29
N VAL B 212 16.91 -8.46 -2.46
CA VAL B 212 17.92 -7.44 -2.23
C VAL B 212 18.49 -6.98 -3.57
N PHE B 213 19.16 -5.83 -3.54
CA PHE B 213 19.48 -5.08 -4.75
C PHE B 213 20.90 -4.54 -4.74
N GLU B 214 21.45 -4.46 -5.95
CA GLU B 214 22.69 -3.77 -6.26
C GLU B 214 22.51 -3.17 -7.64
N VAL B 215 23.55 -2.61 -8.20
CA VAL B 215 23.46 -2.02 -9.52
C VAL B 215 24.57 -2.60 -10.40
N SER B 216 24.28 -2.68 -11.69
CA SER B 216 25.17 -3.26 -12.67
C SER B 216 25.53 -2.19 -13.69
N THR B 217 26.67 -2.38 -14.35
CA THR B 217 27.04 -1.45 -15.40
C THR B 217 26.10 -1.65 -16.60
N SER B 218 26.14 -0.71 -17.53
CA SER B 218 25.20 -0.76 -18.65
C SER B 218 25.51 -1.91 -19.59
N GLU B 219 26.80 -2.07 -19.92
CA GLU B 219 27.18 -3.10 -20.87
C GLU B 219 27.08 -4.49 -20.26
N ARG B 220 27.57 -4.65 -19.02
CA ARG B 220 27.36 -5.89 -18.30
C ARG B 220 25.97 -5.86 -17.67
N GLY B 221 25.00 -6.50 -18.31
CA GLY B 221 23.60 -6.23 -18.06
C GLY B 221 23.06 -6.69 -16.72
N ALA B 222 21.75 -6.49 -16.56
CA ALA B 222 21.04 -7.01 -15.39
C ALA B 222 21.28 -8.51 -15.21
N GLN B 223 21.32 -8.93 -13.95
CA GLN B 223 21.49 -10.33 -13.59
C GLN B 223 20.76 -10.54 -12.27
N HIS B 224 20.55 -11.80 -11.91
CA HIS B 224 19.91 -12.14 -10.64
C HIS B 224 20.54 -13.43 -10.14
N HIS B 225 20.28 -13.75 -8.86
CA HIS B 225 20.76 -15.01 -8.30
C HIS B 225 19.75 -15.49 -7.28
N ILE B 226 19.08 -16.59 -7.57
CA ILE B 226 18.01 -17.13 -6.74
C ILE B 226 18.62 -18.08 -5.72
N TYR B 227 18.21 -17.96 -4.47
CA TYR B 227 18.60 -18.90 -3.43
C TYR B 227 17.36 -19.37 -2.68
N ARG B 228 17.46 -20.54 -2.07
CA ARG B 228 16.53 -20.92 -1.02
C ARG B 228 17.04 -20.45 0.34
N LEU B 229 16.13 -19.98 1.18
CA LEU B 229 16.47 -19.60 2.55
C LEU B 229 16.29 -20.81 3.46
N VAL B 230 17.28 -21.07 4.31
CA VAL B 230 17.35 -22.32 5.06
C VAL B 230 17.56 -22.05 6.55
N ARG B 231 17.27 -23.06 7.37
CA ARG B 231 17.34 -22.98 8.82
C ARG B 231 17.17 -24.36 9.44
#